data_3NF2
#
_entry.id   3NF2
#
_cell.length_a   68.046
_cell.length_b   68.046
_cell.length_c   147.640
_cell.angle_alpha   90.00
_cell.angle_beta   90.00
_cell.angle_gamma   120.00
#
_symmetry.space_group_name_H-M   'P 31 2 1'
#
loop_
_entity.id
_entity.type
_entity.pdbx_description
1 polymer 'Putative polyprenyl synthetase'
2 non-polymer 'SULFATE ION'
3 water water
#
_entity_poly.entity_id   1
_entity_poly.type   'polypeptide(L)'
_entity_poly.pdbx_seq_one_letter_code
;MSLDVTALLERGRTLATPVLRAAVDRLAPPMDTVAAYHFGWIDAQGNPADGDGGKAVRPALAVLSAEVTGAAPEVGVPGA
VAVELVHNFSLLHDDLMDGDEQRRHRDTVWKVHGPAQAILVGDALFALANEVLLELGTVEAGRATRRLTKASRSLIDGQA
QDISYEHRDRVSVEECLEMEGNKTGALLACASSIGAVLGGADERTADTLEKYGYHLGLAFQAVDDLLGIWGDPDATGKQT
WSDLRQRKKSLPVVAALAAGGAASERLGEILTADAKASDFANFSEEEFAARAALIEEAGGREWTADEARRQHTIAIEALD
AVDMPDRVRDRFTALADFVVVRKREGHHHHHH
;
_entity_poly.pdbx_strand_id   A
#
# COMPACT_ATOMS: atom_id res chain seq x y z
N ASP A 4 11.30 -2.02 20.34
CA ASP A 4 9.81 -1.91 20.44
C ASP A 4 9.20 -1.72 19.05
N VAL A 5 10.06 -1.47 18.08
CA VAL A 5 9.66 -1.21 16.69
C VAL A 5 9.02 -2.46 16.06
N THR A 6 9.74 -3.57 16.10
CA THR A 6 9.24 -4.85 15.58
C THR A 6 8.24 -5.53 16.54
N ALA A 7 8.18 -5.02 17.77
CA ALA A 7 7.21 -5.50 18.77
C ALA A 7 5.80 -5.07 18.40
N LEU A 8 5.66 -3.86 17.86
CA LEU A 8 4.36 -3.35 17.42
C LEU A 8 3.84 -4.04 16.16
N LEU A 9 4.75 -4.31 15.22
CA LEU A 9 4.41 -5.02 13.98
C LEU A 9 3.96 -6.45 14.26
N GLU A 10 4.63 -7.10 15.22
CA GLU A 10 4.24 -8.39 15.76
C GLU A 10 2.86 -8.31 16.43
N ARG A 11 2.67 -7.29 17.26
CA ARG A 11 1.42 -7.04 17.98
C ARG A 11 0.22 -6.94 17.03
N GLY A 12 0.38 -6.22 15.92
CA GLY A 12 -0.68 -6.04 14.92
C GLY A 12 -0.97 -7.30 14.12
N ARG A 13 0.09 -8.02 13.74
CA ARG A 13 -0.03 -9.24 12.96
CA ARG A 13 -0.01 -9.25 12.96
C ARG A 13 -0.73 -10.35 13.74
N THR A 14 -0.28 -10.59 14.98
CA THR A 14 -0.83 -11.65 15.83
C THR A 14 -2.27 -11.37 16.29
N LEU A 15 -2.64 -10.11 16.41
CA LEU A 15 -4.02 -9.78 16.77
C LEU A 15 -4.99 -9.93 15.59
N ALA A 16 -4.56 -9.47 14.40
CA ALA A 16 -5.46 -9.38 13.25
C ALA A 16 -5.52 -10.65 12.38
N THR A 17 -4.38 -11.28 12.12
CA THR A 17 -4.33 -12.50 11.27
C THR A 17 -5.33 -13.63 11.61
N PRO A 18 -5.42 -14.08 12.88
CA PRO A 18 -6.40 -15.15 13.17
C PRO A 18 -7.87 -14.73 13.00
N VAL A 19 -8.18 -13.47 13.26
CA VAL A 19 -9.55 -12.96 13.06
C VAL A 19 -9.89 -12.89 11.56
N LEU A 20 -8.94 -12.44 10.76
CA LEU A 20 -9.11 -12.38 9.31
C LEU A 20 -9.17 -13.79 8.69
N ARG A 21 -8.25 -14.67 9.10
CA ARG A 21 -8.25 -16.06 8.62
C ARG A 21 -9.57 -16.78 8.90
N ALA A 22 -10.11 -16.60 10.11
CA ALA A 22 -11.40 -17.19 10.49
C ALA A 22 -12.57 -16.62 9.69
N ALA A 23 -12.50 -15.33 9.33
CA ALA A 23 -13.59 -14.73 8.54
C ALA A 23 -13.51 -15.18 7.10
N VAL A 24 -12.30 -15.39 6.62
CA VAL A 24 -12.07 -15.85 5.24
C VAL A 24 -12.47 -17.32 5.02
N ASP A 25 -12.17 -18.16 6.01
CA ASP A 25 -12.56 -19.58 5.97
C ASP A 25 -14.10 -19.78 5.95
N ARG A 26 -14.83 -18.76 6.40
CA ARG A 26 -16.30 -18.79 6.45
C ARG A 26 -16.99 -18.44 5.13
N LEU A 27 -16.23 -18.03 4.12
CA LEU A 27 -16.79 -17.72 2.79
C LEU A 27 -17.28 -18.97 2.07
N ALA A 28 -18.38 -18.82 1.34
CA ALA A 28 -18.97 -19.93 0.59
C ALA A 28 -17.98 -20.48 -0.46
N PRO A 29 -17.86 -21.83 -0.56
CA PRO A 29 -17.03 -22.50 -1.57
C PRO A 29 -17.34 -22.06 -3.01
N PRO A 30 -16.31 -21.87 -3.86
CA PRO A 30 -14.87 -22.09 -3.67
C PRO A 30 -14.11 -20.89 -3.10
N MET A 31 -14.83 -19.83 -2.72
CA MET A 31 -14.21 -18.56 -2.33
C MET A 31 -13.28 -18.66 -1.12
N ASP A 32 -13.58 -19.56 -0.19
CA ASP A 32 -12.73 -19.75 0.98
C ASP A 32 -11.34 -20.32 0.61
N THR A 33 -11.31 -21.28 -0.32
CA THR A 33 -10.04 -21.88 -0.74
C THR A 33 -9.25 -20.97 -1.68
N VAL A 34 -9.96 -20.30 -2.58
CA VAL A 34 -9.32 -19.39 -3.52
C VAL A 34 -8.69 -18.19 -2.79
N ALA A 35 -9.40 -17.67 -1.78
CA ALA A 35 -8.85 -16.65 -0.88
C ALA A 35 -7.64 -17.19 -0.12
N ALA A 36 -7.75 -18.42 0.39
CA ALA A 36 -6.64 -19.07 1.10
C ALA A 36 -5.40 -19.15 0.22
N TYR A 37 -5.61 -19.43 -1.07
CA TYR A 37 -4.50 -19.42 -2.01
C TYR A 37 -3.93 -18.00 -2.10
N HIS A 38 -4.80 -17.01 -2.27
CA HIS A 38 -4.35 -15.61 -2.32
C HIS A 38 -3.49 -15.24 -1.12
N PHE A 39 -3.92 -15.68 0.06
CA PHE A 39 -3.23 -15.36 1.28
C PHE A 39 -2.02 -16.26 1.56
N GLY A 40 -1.77 -17.25 0.71
CA GLY A 40 -0.60 -18.12 0.84
C GLY A 40 -0.72 -19.27 1.83
N TRP A 41 -1.92 -19.50 2.36
CA TRP A 41 -2.16 -20.59 3.31
C TRP A 41 -2.22 -21.97 2.66
N ILE A 42 -2.56 -22.00 1.37
CA ILE A 42 -2.56 -23.23 0.58
C ILE A 42 -1.92 -22.91 -0.77
N ASP A 43 -1.43 -23.94 -1.46
CA ASP A 43 -0.78 -23.78 -2.78
C ASP A 43 -1.75 -24.00 -3.94
N ALA A 44 -1.21 -24.13 -5.15
CA ALA A 44 -2.03 -24.19 -6.38
C ALA A 44 -2.91 -25.44 -6.51
N GLN A 45 -2.50 -26.53 -5.88
CA GLN A 45 -3.31 -27.75 -5.87
C GLN A 45 -4.03 -27.97 -4.52
N GLY A 46 -4.02 -26.93 -3.68
CA GLY A 46 -4.87 -26.90 -2.48
C GLY A 46 -4.28 -27.51 -1.22
N ASN A 47 -2.99 -27.83 -1.27
CA ASN A 47 -2.27 -28.38 -0.12
C ASN A 47 -1.65 -27.22 0.66
N PRO A 48 -1.48 -27.36 1.99
CA PRO A 48 -0.96 -26.25 2.81
C PRO A 48 0.42 -25.73 2.38
N ALA A 49 0.69 -24.46 2.70
CA ALA A 49 1.90 -23.77 2.25
C ALA A 49 2.31 -22.63 3.20
N ASP A 50 3.55 -22.15 3.09
CA ASP A 50 4.03 -20.97 3.82
C ASP A 50 4.95 -20.08 2.99
N GLY A 51 5.27 -18.91 3.53
CA GLY A 51 6.07 -17.88 2.87
C GLY A 51 5.19 -16.69 2.61
N ASP A 52 4.13 -16.58 3.42
CA ASP A 52 3.01 -15.68 3.16
C ASP A 52 3.10 -14.32 3.86
N GLY A 53 3.39 -14.35 5.17
CA GLY A 53 3.39 -13.16 6.01
C GLY A 53 4.31 -12.05 5.52
N GLY A 54 3.70 -11.03 4.91
CA GLY A 54 4.43 -9.88 4.42
C GLY A 54 4.69 -8.87 5.52
N LYS A 55 4.26 -7.63 5.29
CA LYS A 55 4.44 -6.55 6.25
C LYS A 55 3.17 -6.34 7.06
N ALA A 56 3.32 -5.71 8.21
CA ALA A 56 2.20 -5.54 9.14
C ALA A 56 2.02 -4.11 9.62
N VAL A 57 2.34 -3.15 8.75
CA VAL A 57 2.26 -1.73 9.11
C VAL A 57 0.82 -1.30 9.42
N ARG A 58 -0.09 -1.57 8.47
CA ARG A 58 -1.51 -1.21 8.63
C ARG A 58 -2.21 -1.80 9.89
N PRO A 59 -2.08 -3.13 10.13
CA PRO A 59 -2.70 -3.64 11.37
C PRO A 59 -2.12 -3.03 12.65
N ALA A 60 -0.79 -2.93 12.73
CA ALA A 60 -0.12 -2.28 13.86
C ALA A 60 -0.66 -0.86 14.07
N LEU A 61 -0.88 -0.15 12.98
CA LEU A 61 -1.36 1.21 13.01
C LEU A 61 -2.78 1.28 13.58
N ALA A 62 -3.64 0.38 13.12
CA ALA A 62 -5.06 0.37 13.54
C ALA A 62 -5.27 0.04 15.01
N VAL A 63 -4.46 -0.86 15.55
CA VAL A 63 -4.55 -1.20 16.98
C VAL A 63 -4.00 -0.05 17.82
N LEU A 64 -2.93 0.59 17.32
CA LEU A 64 -2.40 1.83 17.90
C LEU A 64 -3.44 2.95 17.91
N SER A 65 -4.18 3.07 16.82
CA SER A 65 -5.20 4.10 16.66
C SER A 65 -6.25 4.07 17.76
N ALA A 66 -6.61 2.87 18.20
CA ALA A 66 -7.58 2.67 19.26
C ALA A 66 -7.09 3.20 20.62
N GLU A 67 -5.80 3.01 20.87
CA GLU A 67 -5.15 3.47 22.11
C GLU A 67 -5.15 4.98 22.34
N VAL A 68 -5.28 5.75 21.25
CA VAL A 68 -5.39 7.21 21.27
C VAL A 68 -6.53 7.70 22.18
N THR A 69 -7.65 7.00 22.15
CA THR A 69 -8.80 7.33 23.00
C THR A 69 -8.65 6.72 24.39
N GLY A 70 -7.70 5.80 24.55
CA GLY A 70 -7.51 5.09 25.82
C GLY A 70 -8.03 3.66 25.81
N ALA A 71 -8.72 3.28 24.74
CA ALA A 71 -9.29 1.94 24.60
C ALA A 71 -8.20 0.87 24.43
N ALA A 72 -8.58 -0.39 24.62
CA ALA A 72 -7.66 -1.52 24.45
C ALA A 72 -7.35 -1.70 22.96
N PRO A 73 -6.14 -2.21 22.64
CA PRO A 73 -5.75 -2.50 21.25
C PRO A 73 -6.82 -3.30 20.48
N GLU A 74 -7.41 -4.28 21.14
CA GLU A 74 -8.42 -5.17 20.57
C GLU A 74 -9.64 -4.48 19.96
N VAL A 75 -9.95 -3.28 20.45
CA VAL A 75 -11.06 -2.44 19.93
C VAL A 75 -10.83 -2.06 18.45
N GLY A 76 -9.56 -1.88 18.08
CA GLY A 76 -9.20 -1.55 16.71
C GLY A 76 -9.00 -2.74 15.79
N VAL A 77 -9.11 -3.96 16.33
CA VAL A 77 -8.95 -5.18 15.54
C VAL A 77 -9.95 -5.34 14.38
N PRO A 78 -11.26 -5.04 14.61
CA PRO A 78 -12.18 -4.98 13.46
C PRO A 78 -11.70 -4.02 12.37
N GLY A 79 -11.15 -2.89 12.80
CA GLY A 79 -10.60 -1.87 11.90
C GLY A 79 -9.41 -2.38 11.12
N ALA A 80 -8.51 -3.11 11.77
CA ALA A 80 -7.33 -3.68 11.12
C ALA A 80 -7.68 -4.78 10.13
N VAL A 81 -8.72 -5.54 10.45
CA VAL A 81 -9.18 -6.66 9.63
C VAL A 81 -9.84 -6.10 8.36
N ALA A 82 -10.71 -5.13 8.54
CA ALA A 82 -11.38 -4.46 7.42
C ALA A 82 -10.39 -3.81 6.44
N VAL A 83 -9.35 -3.15 6.99
CA VAL A 83 -8.30 -2.52 6.19
C VAL A 83 -7.52 -3.56 5.38
N GLU A 84 -7.21 -4.69 6.01
CA GLU A 84 -6.48 -5.75 5.35
C GLU A 84 -7.30 -6.41 4.24
N LEU A 85 -8.60 -6.52 4.48
CA LEU A 85 -9.53 -7.11 3.54
C LEU A 85 -9.68 -6.26 2.28
N VAL A 86 -9.88 -4.95 2.48
CA VAL A 86 -9.97 -3.98 1.38
C VAL A 86 -8.65 -3.95 0.61
N HIS A 87 -7.54 -3.95 1.34
CA HIS A 87 -6.21 -4.04 0.75
C HIS A 87 -6.10 -5.21 -0.21
N ASN A 88 -6.54 -6.39 0.24
CA ASN A 88 -6.41 -7.60 -0.57
C ASN A 88 -7.40 -7.72 -1.73
N PHE A 89 -8.59 -7.15 -1.55
CA PHE A 89 -9.57 -6.94 -2.63
C PHE A 89 -8.93 -6.12 -3.74
N SER A 90 -8.23 -5.07 -3.32
CA SER A 90 -7.53 -4.20 -4.24
C SER A 90 -6.44 -4.98 -5.01
N LEU A 91 -5.67 -5.82 -4.32
CA LEU A 91 -4.63 -6.59 -4.98
C LEU A 91 -5.18 -7.57 -6.01
N LEU A 92 -6.19 -8.33 -5.60
CA LEU A 92 -6.81 -9.34 -6.44
C LEU A 92 -7.29 -8.76 -7.76
N HIS A 93 -7.99 -7.63 -7.68
CA HIS A 93 -8.50 -6.94 -8.84
C HIS A 93 -7.44 -6.20 -9.62
N ASP A 94 -6.55 -5.48 -8.92
CA ASP A 94 -5.46 -4.76 -9.61
C ASP A 94 -4.55 -5.70 -10.40
N ASP A 95 -4.22 -6.85 -9.83
CA ASP A 95 -3.38 -7.84 -10.51
C ASP A 95 -4.01 -8.35 -11.80
N LEU A 96 -5.32 -8.54 -11.76
CA LEU A 96 -6.04 -9.01 -12.93
C LEU A 96 -6.09 -7.91 -13.99
N MET A 97 -6.43 -6.70 -13.55
CA MET A 97 -6.49 -5.53 -14.44
C MET A 97 -5.13 -5.23 -15.08
N ASP A 98 -4.05 -5.45 -14.34
CA ASP A 98 -2.69 -5.15 -14.81
C ASP A 98 -2.08 -6.30 -15.60
N GLY A 99 -2.69 -7.47 -15.52
CA GLY A 99 -2.19 -8.64 -16.22
C GLY A 99 -0.93 -9.21 -15.60
N ASP A 100 -0.70 -8.88 -14.31
CA ASP A 100 0.44 -9.39 -13.57
C ASP A 100 0.23 -10.86 -13.26
N GLU A 101 1.11 -11.70 -13.79
CA GLU A 101 1.00 -13.14 -13.56
C GLU A 101 1.54 -13.58 -12.20
N GLN A 102 2.28 -12.69 -11.54
CA GLN A 102 3.00 -13.03 -10.31
C GLN A 102 2.93 -11.92 -9.26
N ARG A 103 2.97 -12.32 -7.99
CA ARG A 103 3.06 -11.42 -6.84
C ARG A 103 3.77 -12.19 -5.72
N ARG A 104 4.83 -11.58 -5.18
CA ARG A 104 5.76 -12.21 -4.23
C ARG A 104 6.26 -13.57 -4.70
N HIS A 105 6.66 -13.60 -5.98
CA HIS A 105 7.22 -14.79 -6.67
C HIS A 105 6.27 -16.00 -6.80
N ARG A 106 4.99 -15.78 -6.48
CA ARG A 106 3.94 -16.79 -6.55
C ARG A 106 2.94 -16.36 -7.59
N ASP A 107 2.41 -17.32 -8.34
CA ASP A 107 1.32 -17.05 -9.29
C ASP A 107 0.13 -16.33 -8.65
N THR A 108 -0.42 -15.36 -9.36
CA THR A 108 -1.59 -14.65 -8.89
C THR A 108 -2.84 -15.53 -9.02
N VAL A 109 -3.87 -15.19 -8.24
CA VAL A 109 -5.13 -15.93 -8.25
C VAL A 109 -5.70 -16.10 -9.64
N TRP A 110 -5.67 -15.05 -10.45
CA TRP A 110 -6.27 -15.13 -11.78
C TRP A 110 -5.57 -16.16 -12.68
N LYS A 111 -4.24 -16.25 -12.57
CA LYS A 111 -3.45 -17.26 -13.28
C LYS A 111 -3.77 -18.70 -12.87
N VAL A 112 -3.97 -18.91 -11.57
CA VAL A 112 -4.21 -20.24 -11.04
C VAL A 112 -5.67 -20.64 -11.18
N HIS A 113 -6.56 -19.77 -10.74
CA HIS A 113 -7.97 -20.12 -10.61
C HIS A 113 -8.91 -19.47 -11.63
N GLY A 114 -8.35 -18.67 -12.54
CA GLY A 114 -9.13 -17.98 -13.58
C GLY A 114 -9.47 -16.56 -13.17
N PRO A 115 -9.68 -15.68 -14.18
CA PRO A 115 -10.15 -14.31 -13.97
C PRO A 115 -11.46 -14.19 -13.17
N ALA A 116 -12.44 -15.05 -13.48
CA ALA A 116 -13.76 -15.00 -12.83
C ALA A 116 -13.68 -15.11 -11.32
N GLN A 117 -12.90 -16.07 -10.84
CA GLN A 117 -12.74 -16.28 -9.42
C GLN A 117 -11.92 -15.20 -8.70
N ALA A 118 -11.03 -14.55 -9.43
CA ALA A 118 -10.29 -13.39 -8.90
C ALA A 118 -11.23 -12.22 -8.66
N ILE A 119 -12.13 -11.97 -9.62
CA ILE A 119 -13.14 -10.92 -9.50
C ILE A 119 -14.08 -11.19 -8.35
N LEU A 120 -14.51 -12.44 -8.23
CA LEU A 120 -15.50 -12.87 -7.26
C LEU A 120 -14.98 -12.78 -5.83
N VAL A 121 -13.84 -13.42 -5.58
CA VAL A 121 -13.22 -13.37 -4.26
C VAL A 121 -12.83 -11.94 -3.86
N GLY A 122 -12.31 -11.18 -4.81
CA GLY A 122 -12.11 -9.75 -4.62
C GLY A 122 -13.35 -9.05 -4.10
N ASP A 123 -14.47 -9.22 -4.81
CA ASP A 123 -15.75 -8.64 -4.37
C ASP A 123 -16.16 -9.12 -2.96
N ALA A 124 -15.92 -10.39 -2.69
CA ALA A 124 -16.33 -11.01 -1.45
C ALA A 124 -15.56 -10.43 -0.28
N LEU A 125 -14.27 -10.16 -0.48
CA LEU A 125 -13.43 -9.56 0.56
C LEU A 125 -13.84 -8.12 0.86
N PHE A 126 -14.20 -7.39 -0.19
CA PHE A 126 -14.65 -6.01 -0.03
C PHE A 126 -16.01 -5.93 0.69
N ALA A 127 -16.91 -6.85 0.38
CA ALA A 127 -18.18 -6.92 1.12
C ALA A 127 -17.98 -7.39 2.57
N LEU A 128 -17.05 -8.32 2.78
CA LEU A 128 -16.74 -8.82 4.12
C LEU A 128 -16.15 -7.75 5.05
N ALA A 129 -15.42 -6.81 4.46
CA ALA A 129 -14.75 -5.75 5.21
C ALA A 129 -15.77 -4.84 5.83
N ASN A 130 -16.76 -4.48 5.04
CA ASN A 130 -17.89 -3.67 5.51
C ASN A 130 -18.70 -4.40 6.56
N GLU A 131 -18.83 -5.72 6.40
CA GLU A 131 -19.54 -6.57 7.35
C GLU A 131 -18.81 -6.60 8.69
N VAL A 132 -17.50 -6.79 8.65
CA VAL A 132 -16.68 -6.91 9.86
C VAL A 132 -16.81 -5.68 10.77
N LEU A 133 -17.05 -4.51 10.18
CA LEU A 133 -17.29 -3.30 10.94
C LEU A 133 -18.75 -3.14 11.35
N LEU A 134 -19.67 -3.24 10.38
CA LEU A 134 -21.08 -2.99 10.63
C LEU A 134 -21.75 -4.03 11.56
N GLU A 135 -21.18 -5.25 11.62
CA GLU A 135 -21.58 -6.32 12.57
C GLU A 135 -21.71 -5.82 14.01
N LEU A 136 -20.88 -4.82 14.36
CA LEU A 136 -20.84 -4.27 15.72
C LEU A 136 -22.13 -3.52 16.10
N GLY A 137 -22.82 -2.97 15.12
CA GLY A 137 -24.13 -2.35 15.33
C GLY A 137 -24.12 -0.98 16.00
N THR A 138 -22.92 -0.47 16.30
CA THR A 138 -22.74 0.79 17.02
C THR A 138 -22.59 1.99 16.09
N VAL A 139 -22.71 3.19 16.66
CA VAL A 139 -22.52 4.44 15.93
C VAL A 139 -21.05 4.60 15.47
N GLU A 140 -20.11 4.17 16.31
CA GLU A 140 -18.68 4.19 16.03
C GLU A 140 -18.36 3.36 14.79
N ALA A 141 -19.03 2.22 14.68
CA ALA A 141 -18.85 1.27 13.59
C ALA A 141 -19.34 1.82 12.25
N GLY A 142 -20.38 2.65 12.30
CA GLY A 142 -20.94 3.28 11.09
C GLY A 142 -19.98 4.34 10.59
N ARG A 143 -19.41 5.07 11.53
CA ARG A 143 -18.44 6.13 11.22
C ARG A 143 -17.13 5.54 10.71
N ALA A 144 -16.74 4.40 11.27
CA ALA A 144 -15.55 3.69 10.85
C ALA A 144 -15.70 3.12 9.42
N THR A 145 -16.91 2.67 9.08
CA THR A 145 -17.21 2.19 7.72
C THR A 145 -17.18 3.35 6.72
N ARG A 146 -17.59 4.53 7.16
CA ARG A 146 -17.54 5.77 6.37
C ARG A 146 -16.10 6.09 5.96
N ARG A 147 -15.17 5.90 6.88
CA ARG A 147 -13.75 6.12 6.66
C ARG A 147 -13.17 5.08 5.72
N LEU A 148 -13.66 3.84 5.84
CA LEU A 148 -13.22 2.74 5.01
C LEU A 148 -13.65 2.98 3.57
N THR A 149 -14.87 3.47 3.42
CA THR A 149 -15.46 3.76 2.11
C THR A 149 -14.69 4.86 1.36
N LYS A 150 -14.30 5.91 2.07
CA LYS A 150 -13.53 7.00 1.49
C LYS A 150 -12.20 6.46 0.95
N ALA A 151 -11.54 5.62 1.75
CA ALA A 151 -10.25 5.03 1.38
C ALA A 151 -10.37 4.05 0.21
N SER A 152 -11.50 3.35 0.16
CA SER A 152 -11.73 2.35 -0.87
C SER A 152 -12.07 3.04 -2.19
N ARG A 153 -12.87 4.09 -2.13
CA ARG A 153 -13.20 4.90 -3.33
C ARG A 153 -11.92 5.50 -3.89
N SER A 154 -11.03 5.87 -2.97
CA SER A 154 -9.74 6.45 -3.31
C SER A 154 -8.81 5.48 -4.02
N LEU A 155 -8.67 4.26 -3.49
CA LEU A 155 -7.89 3.20 -4.14
C LEU A 155 -8.40 2.87 -5.55
N ILE A 156 -9.72 2.88 -5.71
CA ILE A 156 -10.34 2.69 -7.02
C ILE A 156 -9.95 3.84 -7.95
N ASP A 157 -10.01 5.07 -7.43
CA ASP A 157 -9.57 6.28 -8.16
C ASP A 157 -8.12 6.17 -8.59
N GLY A 158 -7.27 5.67 -7.70
CA GLY A 158 -5.84 5.54 -7.96
C GLY A 158 -5.57 4.58 -9.08
N GLN A 159 -6.30 3.46 -9.06
CA GLN A 159 -6.27 2.48 -10.13
C GLN A 159 -6.82 3.02 -11.47
N ALA A 160 -7.88 3.83 -11.41
CA ALA A 160 -8.39 4.52 -12.62
C ALA A 160 -7.32 5.43 -13.21
N GLN A 161 -6.63 6.17 -12.34
CA GLN A 161 -5.51 7.00 -12.75
C GLN A 161 -4.41 6.14 -13.38
N ASP A 162 -4.10 5.02 -12.77
CA ASP A 162 -3.08 4.11 -13.30
C ASP A 162 -3.40 3.69 -14.73
N ILE A 163 -4.60 3.15 -14.93
CA ILE A 163 -5.12 2.79 -16.25
C ILE A 163 -5.14 3.99 -17.24
N SER A 164 -5.56 5.14 -16.76
CA SER A 164 -5.63 6.37 -17.55
C SER A 164 -4.27 6.87 -18.06
N TYR A 165 -3.20 6.50 -17.35
CA TYR A 165 -1.84 6.95 -17.72
C TYR A 165 -0.99 5.86 -18.38
N GLU A 166 -1.53 4.66 -18.53
CA GLU A 166 -0.72 3.49 -18.91
C GLU A 166 -0.06 3.54 -20.30
N HIS A 167 -0.58 4.38 -21.19
CA HIS A 167 0.03 4.54 -22.52
C HIS A 167 0.76 5.87 -22.70
N ARG A 168 0.63 6.76 -21.71
CA ARG A 168 1.27 8.07 -21.71
CA ARG A 168 1.26 8.07 -21.76
C ARG A 168 2.79 7.91 -21.71
N ASP A 169 3.49 8.74 -22.50
CA ASP A 169 4.95 8.71 -22.53
C ASP A 169 5.54 9.51 -21.38
N ARG A 170 4.77 10.47 -20.88
CA ARG A 170 5.13 11.18 -19.66
C ARG A 170 3.91 11.45 -18.80
N VAL A 171 4.14 11.48 -17.50
CA VAL A 171 3.15 11.75 -16.48
C VAL A 171 3.76 12.87 -15.64
N SER A 172 2.96 13.84 -15.21
CA SER A 172 3.51 14.93 -14.43
C SER A 172 3.79 14.49 -13.00
N VAL A 173 4.59 15.27 -12.27
CA VAL A 173 4.88 15.04 -10.86
C VAL A 173 3.60 15.10 -10.05
N GLU A 174 2.79 16.13 -10.29
CA GLU A 174 1.51 16.31 -9.62
C GLU A 174 0.57 15.12 -9.81
N GLU A 175 0.52 14.60 -11.03
CA GLU A 175 -0.31 13.44 -11.35
C GLU A 175 0.14 12.19 -10.62
N CYS A 176 1.45 12.05 -10.48
CA CYS A 176 2.03 10.91 -9.79
C CYS A 176 1.72 10.99 -8.29
N LEU A 177 1.80 12.20 -7.74
CA LEU A 177 1.58 12.43 -6.32
C LEU A 177 0.16 12.11 -5.92
N GLU A 178 -0.81 12.62 -6.68
CA GLU A 178 -2.20 12.34 -6.34
C GLU A 178 -2.57 10.87 -6.56
N MET A 179 -1.94 10.23 -7.55
CA MET A 179 -2.11 8.79 -7.75
C MET A 179 -1.55 7.99 -6.58
N GLU A 180 -0.35 8.36 -6.15
CA GLU A 180 0.30 7.64 -5.05
C GLU A 180 -0.41 7.87 -3.72
N GLY A 181 -1.01 9.07 -3.57
CA GLY A 181 -1.85 9.40 -2.44
C GLY A 181 -3.10 8.54 -2.41
N ASN A 182 -3.71 8.35 -3.57
CA ASN A 182 -4.83 7.47 -3.67
C ASN A 182 -4.47 6.02 -3.42
N LYS A 183 -3.40 5.57 -4.05
CA LYS A 183 -2.95 4.21 -3.97
C LYS A 183 -2.42 3.76 -2.63
N THR A 184 -1.67 4.61 -1.99
CA THR A 184 -1.04 4.18 -0.77
C THR A 184 -1.46 4.99 0.39
N GLY A 185 -1.53 6.28 0.19
CA GLY A 185 -1.87 7.18 1.26
C GLY A 185 -3.22 7.04 1.89
N ALA A 186 -4.24 6.83 1.09
CA ALA A 186 -5.59 6.79 1.55
C ALA A 186 -5.88 5.68 2.51
N LEU A 187 -5.28 4.53 2.28
CA LEU A 187 -5.50 3.37 3.12
C LEU A 187 -4.69 3.41 4.43
N LEU A 188 -3.52 4.05 4.38
CA LEU A 188 -2.74 4.26 5.59
C LEU A 188 -3.38 5.32 6.46
N ALA A 189 -4.02 6.30 5.83
CA ALA A 189 -4.79 7.33 6.51
C ALA A 189 -5.93 6.69 7.27
N CYS A 190 -6.61 5.76 6.59
CA CYS A 190 -7.71 5.01 7.18
C CYS A 190 -7.22 4.12 8.32
N ALA A 191 -6.14 3.39 8.09
CA ALA A 191 -5.57 2.54 9.13
C ALA A 191 -5.16 3.33 10.37
N SER A 192 -4.64 4.55 10.15
CA SER A 192 -4.19 5.42 11.22
C SER A 192 -5.33 6.00 12.05
N SER A 193 -6.52 6.09 11.48
CA SER A 193 -7.64 6.74 12.17
C SER A 193 -8.81 5.83 12.56
N ILE A 194 -8.82 4.59 12.05
CA ILE A 194 -10.00 3.73 12.22
C ILE A 194 -10.21 3.17 13.64
N GLY A 195 -9.13 2.72 14.28
CA GLY A 195 -9.17 2.27 15.68
C GLY A 195 -9.72 3.33 16.60
N ALA A 196 -9.30 4.59 16.37
CA ALA A 196 -9.72 5.74 17.16
C ALA A 196 -11.20 6.01 17.03
N VAL A 197 -11.69 5.95 15.79
CA VAL A 197 -13.12 6.08 15.49
C VAL A 197 -13.92 4.98 16.20
N LEU A 198 -13.35 3.78 16.25
CA LEU A 198 -13.98 2.65 16.95
C LEU A 198 -13.97 2.82 18.47
N GLY A 199 -13.00 3.60 18.97
CA GLY A 199 -12.89 3.92 20.39
C GLY A 199 -13.61 5.19 20.83
N GLY A 200 -14.38 5.78 19.92
CA GLY A 200 -15.24 6.92 20.25
C GLY A 200 -14.77 8.34 19.93
N ALA A 201 -13.58 8.49 19.33
CA ALA A 201 -13.01 9.80 18.97
C ALA A 201 -13.91 10.66 18.08
N ASP A 202 -13.90 11.98 18.28
CA ASP A 202 -14.73 12.92 17.51
CA ASP A 202 -14.74 12.88 17.50
C ASP A 202 -14.18 13.11 16.10
N GLU A 203 -14.98 13.73 15.24
CA GLU A 203 -14.68 13.89 13.82
C GLU A 203 -13.41 14.69 13.54
N ARG A 204 -13.01 15.56 14.47
CA ARG A 204 -11.79 16.35 14.33
C ARG A 204 -10.50 15.60 14.72
N THR A 205 -10.58 14.80 15.75
CA THR A 205 -9.45 13.99 16.15
C THR A 205 -9.13 13.00 15.05
N ALA A 206 -10.15 12.42 14.47
CA ALA A 206 -9.97 11.42 13.44
C ALA A 206 -9.34 11.94 12.15
N ASP A 207 -9.80 13.09 11.69
CA ASP A 207 -9.30 13.67 10.47
C ASP A 207 -7.84 13.92 10.62
N THR A 208 -7.44 14.35 11.78
CA THR A 208 -6.07 14.68 11.98
C THR A 208 -5.19 13.46 11.89
N LEU A 209 -5.65 12.38 12.46
CA LEU A 209 -4.92 11.10 12.39
C LEU A 209 -4.86 10.59 10.96
N GLU A 210 -5.89 10.91 10.19
CA GLU A 210 -5.97 10.66 8.77
C GLU A 210 -4.86 11.43 8.03
N LYS A 211 -4.69 12.70 8.38
CA LYS A 211 -3.62 13.54 7.81
C LYS A 211 -2.23 12.98 8.12
N TYR A 212 -2.04 12.47 9.33
CA TYR A 212 -0.82 11.77 9.68
C TYR A 212 -0.61 10.56 8.78
N GLY A 213 -1.66 9.76 8.59
CA GLY A 213 -1.53 8.48 7.91
C GLY A 213 -1.32 8.64 6.43
N TYR A 214 -2.05 9.56 5.84
CA TYR A 214 -1.92 9.94 4.43
C TYR A 214 -0.51 10.38 4.09
N HIS A 215 0.04 11.31 4.86
CA HIS A 215 1.38 11.82 4.61
C HIS A 215 2.46 10.80 4.94
N LEU A 216 2.19 9.95 5.91
CA LEU A 216 3.02 8.77 6.16
C LEU A 216 3.01 7.82 4.96
N GLY A 217 1.84 7.71 4.32
CA GLY A 217 1.66 6.88 3.14
C GLY A 217 2.48 7.34 1.95
N LEU A 218 2.48 8.66 1.74
CA LEU A 218 3.29 9.27 0.69
C LEU A 218 4.79 9.11 0.94
N ALA A 219 5.19 9.21 2.21
CA ALA A 219 6.60 9.03 2.57
C ALA A 219 7.01 7.59 2.32
N PHE A 220 6.07 6.69 2.63
CA PHE A 220 6.26 5.25 2.44
C PHE A 220 6.39 4.90 0.96
N GLN A 221 5.51 5.46 0.14
CA GLN A 221 5.54 5.18 -1.29
C GLN A 221 6.75 5.79 -2.01
N ALA A 222 7.17 6.97 -1.57
CA ALA A 222 8.43 7.57 -2.05
C ALA A 222 9.64 6.68 -1.77
N VAL A 223 9.70 6.12 -0.56
CA VAL A 223 10.79 5.19 -0.19
C VAL A 223 10.66 3.88 -0.96
N ASP A 224 9.43 3.39 -1.12
CA ASP A 224 9.14 2.23 -1.97
C ASP A 224 9.60 2.42 -3.41
N ASP A 225 9.37 3.61 -3.94
CA ASP A 225 9.87 3.98 -5.26
C ASP A 225 11.39 4.04 -5.36
N LEU A 226 12.05 4.49 -4.29
CA LEU A 226 13.52 4.47 -4.27
C LEU A 226 14.05 3.05 -4.21
N LEU A 227 13.41 2.20 -3.42
CA LEU A 227 13.82 0.81 -3.31
C LEU A 227 13.46 -0.02 -4.54
N GLY A 228 12.39 0.35 -5.24
CA GLY A 228 12.03 -0.33 -6.48
C GLY A 228 13.09 -0.21 -7.57
N ILE A 229 13.80 0.91 -7.59
CA ILE A 229 14.94 1.05 -8.51
C ILE A 229 16.28 0.67 -7.86
N TRP A 230 16.70 1.37 -6.81
CA TRP A 230 18.07 1.17 -6.29
C TRP A 230 18.26 0.14 -5.18
N GLY A 231 17.21 -0.64 -4.89
CA GLY A 231 17.25 -1.62 -3.83
C GLY A 231 18.08 -2.84 -4.14
N ASP A 232 18.79 -3.33 -3.12
CA ASP A 232 19.64 -4.51 -3.23
C ASP A 232 18.75 -5.76 -3.12
N PRO A 233 18.89 -6.72 -4.08
CA PRO A 233 18.18 -8.01 -4.09
C PRO A 233 18.22 -8.81 -2.78
N ASP A 234 19.20 -8.53 -1.93
CA ASP A 234 19.37 -9.22 -0.64
C ASP A 234 18.48 -8.62 0.45
N ALA A 235 17.91 -7.46 0.16
CA ALA A 235 16.98 -6.80 1.08
C ALA A 235 15.56 -6.76 0.52
N THR A 236 15.44 -6.65 -0.80
CA THR A 236 14.14 -6.50 -1.47
C THR A 236 13.47 -7.82 -1.83
N GLY A 237 14.27 -8.81 -2.21
CA GLY A 237 13.75 -10.07 -2.74
C GLY A 237 13.50 -10.00 -4.24
N LYS A 238 13.40 -8.78 -4.75
CA LYS A 238 13.17 -8.51 -6.16
C LYS A 238 14.48 -8.44 -6.94
N GLN A 239 14.39 -8.55 -8.26
CA GLN A 239 15.53 -8.37 -9.19
C GLN A 239 16.12 -6.95 -9.09
N THR A 240 17.32 -6.77 -9.64
CA THR A 240 17.91 -5.43 -9.76
C THR A 240 17.03 -4.55 -10.65
N TRP A 241 16.87 -3.28 -10.27
CA TRP A 241 16.09 -2.28 -11.01
C TRP A 241 14.68 -2.77 -11.37
N SER A 242 14.03 -3.46 -10.42
CA SER A 242 12.79 -4.21 -10.68
C SER A 242 11.67 -3.33 -11.26
N ASP A 243 11.46 -2.15 -10.68
CA ASP A 243 10.48 -1.21 -11.20
C ASP A 243 10.78 -0.72 -12.63
N LEU A 244 12.06 -0.69 -13.00
CA LEU A 244 12.42 -0.28 -14.35
C LEU A 244 12.18 -1.38 -15.38
N ARG A 245 12.30 -2.64 -14.94
CA ARG A 245 11.95 -3.80 -15.75
C ARG A 245 10.44 -3.88 -16.05
N GLN A 246 9.63 -3.23 -15.20
CA GLN A 246 8.19 -3.23 -15.34
C GLN A 246 7.67 -1.90 -15.90
N ARG A 247 8.59 -1.02 -16.22
CA ARG A 247 8.34 0.31 -16.76
C ARG A 247 7.43 1.20 -15.95
N LYS A 248 7.55 1.14 -14.64
CA LYS A 248 6.72 1.99 -13.81
C LYS A 248 7.08 3.43 -13.87
N LYS A 249 6.11 4.29 -13.83
CA LYS A 249 6.39 5.69 -13.71
C LYS A 249 6.31 6.13 -12.28
N SER A 250 7.30 5.73 -11.50
CA SER A 250 7.39 6.08 -10.10
C SER A 250 7.93 7.45 -9.97
N LEU A 251 7.94 7.94 -8.76
CA LEU A 251 8.32 9.31 -8.51
C LEU A 251 9.72 9.63 -8.99
N PRO A 252 10.70 8.78 -8.79
CA PRO A 252 12.01 9.18 -9.33
C PRO A 252 12.00 9.35 -10.86
N VAL A 253 11.37 8.41 -11.56
CA VAL A 253 11.25 8.44 -13.02
C VAL A 253 10.59 9.72 -13.47
N VAL A 254 9.43 9.99 -12.87
CA VAL A 254 8.63 11.16 -13.20
C VAL A 254 9.34 12.48 -12.87
N ALA A 255 9.94 12.57 -11.67
CA ALA A 255 10.68 13.76 -11.27
C ALA A 255 11.87 14.05 -12.21
N ALA A 256 12.54 12.99 -12.65
CA ALA A 256 13.60 13.11 -13.63
C ALA A 256 13.08 13.67 -14.97
N LEU A 257 11.91 13.19 -15.42
CA LEU A 257 11.33 13.65 -16.69
C LEU A 257 10.92 15.11 -16.65
N ALA A 258 10.43 15.56 -15.50
CA ALA A 258 9.92 16.91 -15.36
C ALA A 258 11.05 17.94 -15.22
N ALA A 259 12.25 17.44 -14.97
CA ALA A 259 13.40 18.30 -14.69
C ALA A 259 13.84 19.20 -15.85
N GLY A 260 13.97 18.65 -17.06
CA GLY A 260 14.66 19.38 -18.13
C GLY A 260 16.18 19.36 -17.98
N GLY A 261 16.89 19.54 -19.09
CA GLY A 261 18.34 19.37 -19.12
C GLY A 261 18.66 18.07 -19.83
N ALA A 262 19.93 17.90 -20.19
CA ALA A 262 20.34 16.81 -21.10
C ALA A 262 20.06 15.41 -20.61
N ALA A 263 20.09 15.22 -19.29
CA ALA A 263 19.79 13.93 -18.69
C ALA A 263 18.31 13.64 -18.80
N SER A 264 17.51 14.64 -18.44
CA SER A 264 16.05 14.55 -18.51
C SER A 264 15.54 14.34 -19.92
N GLU A 265 16.06 15.13 -20.88
CA GLU A 265 15.64 15.03 -22.28
C GLU A 265 15.96 13.65 -22.85
N ARG A 266 17.17 13.14 -22.57
CA ARG A 266 17.57 11.84 -23.10
C ARG A 266 16.77 10.68 -22.49
N LEU A 267 16.50 10.77 -21.20
CA LEU A 267 15.65 9.78 -20.53
C LEU A 267 14.25 9.72 -21.15
N GLY A 268 13.68 10.89 -21.46
CA GLY A 268 12.41 11.01 -22.18
C GLY A 268 12.38 10.26 -23.52
N GLU A 269 13.43 10.44 -24.32
CA GLU A 269 13.54 9.77 -25.62
C GLU A 269 13.62 8.27 -25.46
N ILE A 270 14.42 7.83 -24.49
CA ILE A 270 14.65 6.41 -24.22
C ILE A 270 13.41 5.67 -23.72
N LEU A 271 12.71 6.27 -22.76
CA LEU A 271 11.51 5.64 -22.18
C LEU A 271 10.34 5.58 -23.16
N THR A 272 10.23 6.60 -24.02
CA THR A 272 9.31 6.57 -25.16
C THR A 272 9.69 5.44 -26.12
N ALA A 273 10.99 5.30 -26.41
CA ALA A 273 11.49 4.21 -27.27
C ALA A 273 11.33 2.84 -26.66
N ASP A 274 11.54 2.74 -25.34
CA ASP A 274 11.42 1.48 -24.60
C ASP A 274 10.00 0.89 -24.64
N ALA A 275 8.99 1.77 -24.66
CA ALA A 275 7.59 1.36 -24.72
C ALA A 275 7.24 0.56 -26.00
N LYS A 276 7.79 0.99 -27.14
CA LYS A 276 7.55 0.31 -28.43
C LYS A 276 8.64 -0.72 -28.77
N ALA A 277 9.59 -0.93 -27.86
CA ALA A 277 10.79 -1.71 -28.20
C ALA A 277 10.53 -3.21 -28.34
N SER A 278 10.70 -3.71 -29.57
CA SER A 278 10.56 -5.14 -29.92
C SER A 278 11.42 -6.08 -29.08
N ASP A 279 12.59 -5.63 -28.65
CA ASP A 279 13.52 -6.46 -27.88
C ASP A 279 13.65 -6.06 -26.41
N PHE A 280 12.58 -5.47 -25.85
CA PHE A 280 12.52 -5.12 -24.43
C PHE A 280 12.76 -6.32 -23.50
N ALA A 281 12.24 -7.48 -23.90
CA ALA A 281 12.43 -8.71 -23.16
C ALA A 281 13.89 -9.18 -23.11
N ASN A 282 14.74 -8.60 -23.97
CA ASN A 282 16.14 -8.96 -24.01
C ASN A 282 17.05 -8.00 -23.25
N PHE A 283 16.50 -6.89 -22.78
CA PHE A 283 17.23 -5.85 -22.05
C PHE A 283 18.08 -6.45 -20.93
N SER A 284 19.28 -5.88 -20.73
CA SER A 284 20.21 -6.37 -19.72
C SER A 284 20.13 -5.51 -18.47
N GLU A 285 20.73 -6.02 -17.38
CA GLU A 285 20.93 -5.27 -16.14
C GLU A 285 21.56 -3.89 -16.41
N GLU A 286 22.61 -3.89 -17.23
CA GLU A 286 23.38 -2.68 -17.55
C GLU A 286 22.56 -1.60 -18.23
N GLU A 287 21.64 -2.01 -19.08
CA GLU A 287 20.71 -1.07 -19.72
C GLU A 287 19.75 -0.48 -18.71
N PHE A 288 19.28 -1.30 -17.77
CA PHE A 288 18.46 -0.77 -16.67
C PHE A 288 19.25 0.10 -15.70
N ALA A 289 20.53 -0.25 -15.51
CA ALA A 289 21.43 0.60 -14.74
C ALA A 289 21.61 1.96 -15.42
N ALA A 290 21.86 1.97 -16.74
CA ALA A 290 21.99 3.24 -17.47
C ALA A 290 20.80 4.18 -17.26
N ARG A 291 19.58 3.63 -17.23
CA ARG A 291 18.36 4.44 -17.04
C ARG A 291 18.24 4.99 -15.61
N ALA A 292 18.66 4.18 -14.66
CA ALA A 292 18.74 4.57 -13.25
C ALA A 292 19.75 5.70 -13.08
N ALA A 293 20.94 5.47 -13.64
CA ALA A 293 22.00 6.47 -13.67
C ALA A 293 21.54 7.80 -14.28
N LEU A 294 20.73 7.73 -15.34
CA LEU A 294 20.15 8.95 -15.94
C LEU A 294 19.12 9.64 -15.07
N ILE A 295 18.29 8.87 -14.37
CA ILE A 295 17.30 9.42 -13.41
C ILE A 295 18.04 10.13 -12.27
N GLU A 296 19.09 9.51 -11.76
CA GLU A 296 19.92 10.17 -10.76
C GLU A 296 20.55 11.48 -11.27
N GLU A 297 21.19 11.46 -12.44
CA GLU A 297 21.73 12.71 -13.04
C GLU A 297 20.69 13.81 -13.17
N ALA A 298 19.47 13.47 -13.57
CA ALA A 298 18.40 14.47 -13.71
C ALA A 298 17.83 14.96 -12.37
N GLY A 299 18.34 14.40 -11.27
CA GLY A 299 17.90 14.79 -9.94
C GLY A 299 16.62 14.09 -9.47
N GLY A 300 16.32 12.94 -10.09
CA GLY A 300 15.13 12.16 -9.75
C GLY A 300 15.19 11.48 -8.39
N ARG A 301 16.32 10.84 -8.10
CA ARG A 301 16.52 10.15 -6.84
C ARG A 301 16.50 11.11 -5.65
N GLU A 302 17.31 12.16 -5.76
CA GLU A 302 17.41 13.18 -4.73
C GLU A 302 16.07 13.81 -4.43
N TRP A 303 15.34 14.21 -5.48
CA TRP A 303 14.02 14.81 -5.31
C TRP A 303 13.07 13.91 -4.53
N THR A 304 13.16 12.60 -4.79
CA THR A 304 12.26 11.63 -4.16
C THR A 304 12.64 11.37 -2.68
N ALA A 305 13.94 11.39 -2.38
CA ALA A 305 14.40 11.30 -0.98
C ALA A 305 13.98 12.52 -0.18
N ASP A 306 14.08 13.71 -0.80
CA ASP A 306 13.59 14.94 -0.18
C ASP A 306 12.08 14.96 0.01
N GLU A 307 11.35 14.35 -0.92
CA GLU A 307 9.91 14.22 -0.76
C GLU A 307 9.54 13.30 0.39
N ALA A 308 10.25 12.18 0.49
CA ALA A 308 10.09 11.24 1.60
C ALA A 308 10.28 11.94 2.93
N ARG A 309 11.40 12.65 3.06
CA ARG A 309 11.73 13.44 4.25
C ARG A 309 10.67 14.50 4.55
N ARG A 310 10.24 15.23 3.52
CA ARG A 310 9.20 16.24 3.69
C ARG A 310 7.91 15.64 4.21
N GLN A 311 7.48 14.52 3.60
CA GLN A 311 6.20 13.89 3.95
C GLN A 311 6.18 13.29 5.35
N HIS A 312 7.30 12.67 5.73
CA HIS A 312 7.58 12.22 7.09
C HIS A 312 7.30 13.35 8.10
N THR A 313 7.87 14.51 7.82
CA THR A 313 7.77 15.69 8.66
C THR A 313 6.32 16.18 8.77
N ILE A 314 5.62 16.28 7.64
CA ILE A 314 4.20 16.68 7.65
C ILE A 314 3.32 15.70 8.45
N ALA A 315 3.64 14.41 8.34
CA ALA A 315 2.95 13.36 9.11
C ALA A 315 3.18 13.54 10.62
N ILE A 316 4.44 13.53 11.03
CA ILE A 316 4.85 13.64 12.43
C ILE A 316 4.42 14.96 13.06
N GLU A 317 4.42 16.03 12.27
CA GLU A 317 3.93 17.32 12.71
C GLU A 317 2.39 17.40 12.77
N ALA A 318 1.69 16.47 12.13
CA ALA A 318 0.23 16.36 12.31
C ALA A 318 -0.14 15.66 13.63
N LEU A 319 0.68 14.72 14.08
CA LEU A 319 0.52 14.07 15.38
C LEU A 319 0.54 15.05 16.54
N ASP A 320 1.37 16.09 16.42
CA ASP A 320 1.48 17.16 17.42
C ASP A 320 0.13 17.85 17.69
N ALA A 321 -0.71 17.92 16.66
CA ALA A 321 -2.00 18.62 16.72
C ALA A 321 -3.10 17.87 17.49
N VAL A 322 -2.90 16.58 17.75
CA VAL A 322 -3.92 15.78 18.45
C VAL A 322 -3.57 15.40 19.89
N ASP A 323 -4.52 15.71 20.78
CA ASP A 323 -4.45 15.36 22.19
C ASP A 323 -4.53 13.84 22.33
N MET A 324 -3.48 13.27 22.93
CA MET A 324 -3.21 11.85 22.84
C MET A 324 -2.21 11.52 23.94
N PRO A 325 -2.40 10.37 24.63
CA PRO A 325 -1.41 9.82 25.54
C PRO A 325 -0.03 9.76 24.89
N ASP A 326 0.97 10.25 25.62
CA ASP A 326 2.33 10.43 25.09
C ASP A 326 3.08 9.13 24.78
N ARG A 327 2.65 8.03 25.38
CA ARG A 327 3.20 6.72 25.06
C ARG A 327 2.73 6.27 23.67
N VAL A 328 1.50 6.65 23.33
CA VAL A 328 0.89 6.30 22.04
C VAL A 328 1.52 7.15 20.93
N ARG A 329 1.63 8.45 21.18
CA ARG A 329 2.30 9.37 20.26
CA ARG A 329 2.31 9.39 20.28
C ARG A 329 3.71 8.91 19.93
N ASP A 330 4.46 8.47 20.94
CA ASP A 330 5.81 7.91 20.77
C ASP A 330 5.81 6.69 19.85
N ARG A 331 4.78 5.85 20.00
CA ARG A 331 4.64 4.66 19.18
C ARG A 331 4.32 5.00 17.72
N PHE A 332 3.46 5.99 17.53
CA PHE A 332 3.12 6.49 16.20
C PHE A 332 4.32 7.13 15.50
N THR A 333 5.13 7.85 16.28
CA THR A 333 6.37 8.47 15.82
C THR A 333 7.40 7.44 15.35
N ALA A 334 7.50 6.31 16.04
CA ALA A 334 8.50 5.29 15.72
C ALA A 334 8.17 4.48 14.46
N LEU A 335 6.88 4.30 14.17
CA LEU A 335 6.44 3.66 12.94
C LEU A 335 6.82 4.52 11.74
N ALA A 336 6.62 5.83 11.89
CA ALA A 336 6.97 6.82 10.88
C ALA A 336 8.46 6.79 10.52
N ASP A 337 9.33 6.54 11.50
CA ASP A 337 10.75 6.39 11.22
C ASP A 337 11.07 5.06 10.57
N PHE A 338 10.34 4.00 10.93
CA PHE A 338 10.53 2.67 10.33
C PHE A 338 10.19 2.68 8.85
N VAL A 339 9.19 3.48 8.50
CA VAL A 339 8.71 3.62 7.13
C VAL A 339 9.79 4.11 6.15
N VAL A 340 10.71 4.94 6.64
CA VAL A 340 11.90 5.34 5.86
C VAL A 340 13.09 4.42 6.16
N VAL A 341 13.90 4.14 5.13
CA VAL A 341 15.08 3.26 5.26
C VAL A 341 16.22 3.69 4.33
#